data_5Z1Y
#
_entry.id   5Z1Y
#
_entity_poly.entity_id   1
_entity_poly.type   'polypeptide(L)'
_entity_poly.pdbx_seq_one_letter_code
;NLCASLRARHTIPQCRKFGRR
;
_entity_poly.pdbx_strand_id   A
#
# COMPACT_ATOMS: atom_id res chain seq x y z
N ASN A 1 6.44 0.44 -3.11
CA ASN A 1 7.69 -0.31 -3.10
C ASN A 1 7.45 -1.74 -2.63
N LEU A 2 7.65 -1.96 -1.32
CA LEU A 2 7.44 -3.28 -0.74
C LEU A 2 5.98 -3.70 -0.89
N CYS A 3 5.08 -2.72 -0.78
CA CYS A 3 3.64 -2.99 -0.89
C CYS A 3 3.35 -3.82 -2.13
N ALA A 4 2.58 -4.88 -1.93
CA ALA A 4 2.22 -5.77 -3.03
C ALA A 4 0.79 -6.30 -2.85
N SER A 5 0.57 -6.98 -1.74
CA SER A 5 -0.75 -7.55 -1.45
C SER A 5 -1.74 -6.44 -1.09
N LEU A 6 -3.03 -6.74 -1.22
CA LEU A 6 -4.07 -5.77 -0.91
C LEU A 6 -4.04 -5.40 0.57
N ARG A 7 -3.48 -6.29 1.38
CA ARG A 7 -3.39 -6.06 2.82
C ARG A 7 -2.64 -4.78 3.11
N ALA A 8 -1.61 -4.51 2.31
CA ALA A 8 -0.81 -3.31 2.49
C ALA A 8 -1.69 -2.07 2.33
N ARG A 9 -2.60 -2.11 1.39
CA ARG A 9 -3.49 -0.98 1.15
C ARG A 9 -4.42 -0.77 2.34
N HIS A 10 -4.41 -1.72 3.27
CA HIS A 10 -5.26 -1.63 4.46
C HIS A 10 -4.43 -1.39 5.71
N THR A 11 -3.42 -2.22 5.93
CA THR A 11 -2.57 -2.11 7.12
C THR A 11 -1.34 -1.25 6.85
N ILE A 12 -1.09 -0.97 5.58
CA ILE A 12 0.07 -0.16 5.20
C ILE A 12 -0.38 1.03 4.35
N PRO A 13 -0.80 2.09 4.97
CA PRO A 13 -1.28 3.32 4.26
C PRO A 13 -0.22 3.87 3.32
N GLN A 14 1.03 3.66 3.66
CA GLN A 14 2.11 4.18 2.84
C GLN A 14 1.96 3.67 1.41
N CYS A 15 1.34 2.51 1.27
CA CYS A 15 1.11 1.94 -0.05
C CYS A 15 0.25 2.89 -0.87
N ARG A 16 -0.75 3.48 -0.24
CA ARG A 16 -1.65 4.38 -0.95
C ARG A 16 -0.88 5.58 -1.49
N LYS A 17 0.05 6.10 -0.69
CA LYS A 17 0.85 7.25 -1.12
C LYS A 17 1.75 6.86 -2.29
N PHE A 18 2.31 5.66 -2.21
CA PHE A 18 3.19 5.16 -3.26
C PHE A 18 2.46 5.07 -4.59
N GLY A 19 1.26 4.48 -4.57
CA GLY A 19 0.47 4.34 -5.79
C GLY A 19 -0.68 5.34 -5.82
N ARG A 20 -0.78 6.09 -6.92
CA ARG A 20 -1.84 7.07 -7.07
C ARG A 20 -2.55 6.90 -8.41
N ARG A 21 -1.78 6.86 -9.49
CA ARG A 21 -2.34 6.69 -10.82
C ARG A 21 -3.59 7.56 -10.99
N ASN A 1 8.62 -3.77 2.20
CA ASN A 1 9.07 -2.61 1.44
C ASN A 1 8.24 -2.46 0.17
N LEU A 2 7.77 -3.58 -0.37
CA LEU A 2 6.96 -3.56 -1.57
C LEU A 2 5.49 -3.76 -1.23
N CYS A 3 4.64 -2.87 -1.74
CA CYS A 3 3.21 -2.96 -1.49
C CYS A 3 2.52 -3.80 -2.56
N ALA A 4 3.12 -4.94 -2.88
CA ALA A 4 2.56 -5.84 -3.89
C ALA A 4 1.33 -6.56 -3.34
N SER A 5 1.16 -6.50 -2.02
CA SER A 5 0.02 -7.16 -1.39
C SER A 5 -1.07 -6.15 -1.03
N LEU A 6 -2.30 -6.44 -1.45
CA LEU A 6 -3.42 -5.55 -1.17
C LEU A 6 -3.60 -5.36 0.33
N ARG A 7 -3.01 -6.27 1.10
CA ARG A 7 -3.11 -6.20 2.55
C ARG A 7 -2.52 -4.89 3.06
N ALA A 8 -1.40 -4.48 2.45
CA ALA A 8 -0.75 -3.25 2.86
C ALA A 8 -1.68 -2.04 2.68
N ARG A 9 -2.27 -1.94 1.50
CA ARG A 9 -3.18 -0.82 1.23
C ARG A 9 -4.32 -0.82 2.23
N HIS A 10 -4.78 -2.01 2.59
CA HIS A 10 -5.87 -2.12 3.55
C HIS A 10 -5.52 -1.47 4.88
N THR A 11 -4.29 -1.72 5.34
CA THR A 11 -3.85 -1.17 6.61
C THR A 11 -2.66 -0.23 6.44
N ILE A 12 -1.57 -0.76 5.90
CA ILE A 12 -0.37 0.04 5.74
C ILE A 12 -0.70 1.37 5.04
N PRO A 13 -0.62 2.50 5.74
CA PRO A 13 -0.94 3.81 5.12
C PRO A 13 0.21 4.31 4.23
N GLN A 14 1.40 3.81 4.48
CA GLN A 14 2.56 4.19 3.70
C GLN A 14 2.38 3.81 2.23
N CYS A 15 1.75 2.66 2.00
CA CYS A 15 1.52 2.17 0.66
C CYS A 15 0.61 3.13 -0.13
N ARG A 16 0.06 4.12 0.56
CA ARG A 16 -0.81 5.08 -0.11
C ARG A 16 -0.05 5.81 -1.21
N LYS A 17 1.24 6.01 -1.00
CA LYS A 17 2.07 6.71 -1.98
C LYS A 17 2.15 5.90 -3.28
N PHE A 18 2.26 4.58 -3.14
CA PHE A 18 2.34 3.71 -4.31
C PHE A 18 1.04 3.77 -5.10
N GLY A 19 -0.08 3.84 -4.39
CA GLY A 19 -1.38 3.91 -5.04
C GLY A 19 -2.47 4.26 -4.04
N ARG A 20 -3.65 4.64 -4.56
CA ARG A 20 -4.77 5.00 -3.70
C ARG A 20 -6.08 4.57 -4.33
N ARG A 21 -6.96 3.97 -3.54
CA ARG A 21 -8.25 3.52 -4.04
C ARG A 21 -8.10 2.80 -5.38
N ASN A 1 7.70 -2.13 -5.77
CA ASN A 1 6.47 -2.12 -5.00
C ASN A 1 6.61 -2.95 -3.74
N LEU A 2 6.70 -2.28 -2.59
CA LEU A 2 6.86 -2.97 -1.32
C LEU A 2 5.49 -3.36 -0.76
N CYS A 3 4.44 -2.88 -1.40
CA CYS A 3 3.08 -3.19 -0.96
C CYS A 3 2.81 -4.68 -1.06
N ALA A 4 3.28 -5.29 -2.15
CA ALA A 4 3.11 -6.71 -2.35
C ALA A 4 1.64 -7.11 -2.24
N SER A 5 1.23 -7.49 -1.03
CA SER A 5 -0.16 -7.90 -0.80
C SER A 5 -1.10 -6.70 -0.88
N LEU A 6 -2.28 -6.92 -1.48
CA LEU A 6 -3.26 -5.84 -1.61
C LEU A 6 -3.66 -5.33 -0.23
N ARG A 7 -3.48 -6.16 0.78
CA ARG A 7 -3.82 -5.78 2.15
C ARG A 7 -3.04 -4.55 2.58
N ALA A 8 -1.87 -4.36 1.97
CA ALA A 8 -1.02 -3.22 2.27
C ALA A 8 -1.75 -1.91 2.00
N ARG A 9 -2.52 -1.88 0.93
CA ARG A 9 -3.26 -0.68 0.57
C ARG A 9 -4.25 -0.32 1.69
N HIS A 10 -4.27 -1.12 2.76
CA HIS A 10 -5.18 -0.87 3.87
C HIS A 10 -4.43 -0.86 5.20
N THR A 11 -3.85 -2.01 5.54
CA THR A 11 -3.11 -2.15 6.79
C THR A 11 -1.79 -1.40 6.73
N ILE A 12 -1.38 -1.03 5.52
CA ILE A 12 -0.12 -0.32 5.34
C ILE A 12 -0.39 1.03 4.67
N PRO A 13 -0.66 2.05 5.47
CA PRO A 13 -0.95 3.42 4.96
C PRO A 13 0.16 3.94 4.07
N GLN A 14 1.38 3.45 4.30
CA GLN A 14 2.51 3.88 3.52
C GLN A 14 2.26 3.62 2.04
N CYS A 15 1.47 2.59 1.75
CA CYS A 15 1.16 2.24 0.37
C CYS A 15 0.32 3.33 -0.30
N ARG A 16 -0.15 4.29 0.50
CA ARG A 16 -0.95 5.37 -0.04
C ARG A 16 -0.15 6.17 -1.06
N LYS A 17 1.16 6.24 -0.87
CA LYS A 17 2.02 6.98 -1.78
C LYS A 17 2.01 6.33 -3.17
N PHE A 18 2.04 5.00 -3.19
CA PHE A 18 2.03 4.28 -4.46
C PHE A 18 0.72 4.50 -5.20
N GLY A 19 -0.38 4.51 -4.45
CA GLY A 19 -1.70 4.72 -5.05
C GLY A 19 -2.42 5.89 -4.40
N ARG A 20 -2.87 6.84 -5.22
CA ARG A 20 -3.56 8.01 -4.71
C ARG A 20 -5.08 7.82 -4.82
N ARG A 21 -5.77 8.01 -3.70
CA ARG A 21 -7.23 7.86 -3.68
C ARG A 21 -7.88 9.14 -3.17
N ASN A 1 6.08 -7.73 3.58
CA ASN A 1 5.44 -7.51 2.29
C ASN A 1 5.20 -6.01 2.07
N LEU A 2 5.86 -5.45 1.07
CA LEU A 2 5.70 -4.03 0.77
C LEU A 2 4.79 -3.84 -0.44
N CYS A 3 3.62 -3.29 -0.20
CA CYS A 3 2.65 -3.05 -1.27
C CYS A 3 2.51 -4.30 -2.15
N ALA A 4 3.07 -5.41 -1.69
CA ALA A 4 3.01 -6.66 -2.44
C ALA A 4 1.56 -7.14 -2.58
N SER A 5 0.80 -7.00 -1.51
CA SER A 5 -0.60 -7.42 -1.51
C SER A 5 -1.52 -6.25 -1.21
N LEU A 6 -2.73 -6.30 -1.74
CA LEU A 6 -3.71 -5.24 -1.54
C LEU A 6 -3.88 -4.96 -0.05
N ARG A 7 -3.49 -5.91 0.79
CA ARG A 7 -3.61 -5.76 2.22
C ARG A 7 -2.82 -4.54 2.70
N ALA A 8 -1.72 -4.26 2.01
CA ALA A 8 -0.88 -3.13 2.37
C ALA A 8 -1.68 -1.83 2.32
N ARG A 9 -2.54 -1.71 1.32
CA ARG A 9 -3.35 -0.50 1.19
C ARG A 9 -4.16 -0.25 2.46
N HIS A 10 -4.30 -1.28 3.29
CA HIS A 10 -5.06 -1.16 4.52
C HIS A 10 -4.12 -1.03 5.72
N THR A 11 -3.37 -2.10 6.00
CA THR A 11 -2.44 -2.12 7.12
C THR A 11 -1.20 -1.30 6.81
N ILE A 12 -0.98 -1.01 5.54
CA ILE A 12 0.20 -0.24 5.13
C ILE A 12 -0.25 1.00 4.38
N PRO A 13 -0.62 2.06 5.07
CA PRO A 13 -1.09 3.32 4.42
C PRO A 13 -0.02 3.94 3.53
N GLN A 14 1.22 3.57 3.76
CA GLN A 14 2.30 4.10 2.95
C GLN A 14 2.14 3.66 1.49
N CYS A 15 1.66 2.45 1.30
CA CYS A 15 1.46 1.90 -0.04
C CYS A 15 0.43 2.71 -0.80
N ARG A 16 -0.62 3.12 -0.10
CA ARG A 16 -1.68 3.89 -0.74
C ARG A 16 -1.14 5.22 -1.21
N LYS A 17 -0.24 5.81 -0.42
CA LYS A 17 0.33 7.10 -0.76
C LYS A 17 1.13 7.02 -2.06
N PHE A 18 1.90 5.95 -2.20
CA PHE A 18 2.70 5.77 -3.40
C PHE A 18 1.80 5.50 -4.61
N GLY A 19 0.75 4.71 -4.39
CA GLY A 19 -0.18 4.38 -5.46
C GLY A 19 0.28 3.11 -6.19
N ARG A 20 -0.63 2.52 -6.96
CA ARG A 20 -0.32 1.31 -7.70
C ARG A 20 -0.90 1.38 -9.11
N ARG A 21 -0.19 0.80 -10.08
CA ARG A 21 -0.64 0.80 -11.46
C ARG A 21 -1.29 2.13 -11.82
N ASN A 1 8.70 -6.39 2.53
CA ASN A 1 9.04 -4.99 2.69
C ASN A 1 8.53 -4.17 1.51
N LEU A 2 8.20 -4.86 0.42
CA LEU A 2 7.69 -4.19 -0.77
C LEU A 2 6.17 -4.28 -0.83
N CYS A 3 5.51 -3.14 -0.92
CA CYS A 3 4.05 -3.10 -0.99
C CYS A 3 3.56 -3.64 -2.33
N ALA A 4 2.63 -4.58 -2.29
CA ALA A 4 2.09 -5.17 -3.51
C ALA A 4 0.95 -6.13 -3.18
N SER A 5 0.30 -5.90 -2.04
CA SER A 5 -0.80 -6.75 -1.62
C SER A 5 -1.90 -5.92 -0.96
N LEU A 6 -3.15 -6.34 -1.16
CA LEU A 6 -4.29 -5.63 -0.58
C LEU A 6 -4.07 -5.41 0.90
N ARG A 7 -3.35 -6.33 1.54
CA ARG A 7 -3.09 -6.20 2.97
C ARG A 7 -2.34 -4.91 3.25
N ALA A 8 -1.34 -4.60 2.44
CA ALA A 8 -0.57 -3.38 2.61
C ALA A 8 -1.47 -2.16 2.43
N ARG A 9 -2.27 -2.19 1.39
CA ARG A 9 -3.17 -1.07 1.13
C ARG A 9 -4.11 -0.84 2.30
N HIS A 10 -4.34 -1.89 3.09
CA HIS A 10 -5.23 -1.79 4.24
C HIS A 10 -4.44 -1.57 5.53
N THR A 11 -3.62 -2.56 5.88
CA THR A 11 -2.81 -2.47 7.09
C THR A 11 -1.69 -1.45 6.93
N ILE A 12 -1.31 -1.19 5.69
CA ILE A 12 -0.23 -0.24 5.42
C ILE A 12 -0.74 0.91 4.58
N PRO A 13 -1.40 1.87 5.19
CA PRO A 13 -1.95 3.05 4.46
C PRO A 13 -0.86 3.88 3.80
N GLN A 14 0.37 3.71 4.25
CA GLN A 14 1.49 4.44 3.69
C GLN A 14 1.68 4.07 2.22
N CYS A 15 1.27 2.85 1.87
CA CYS A 15 1.39 2.37 0.50
C CYS A 15 0.61 3.26 -0.45
N ARG A 16 -0.30 4.07 0.09
CA ARG A 16 -1.11 4.95 -0.72
C ARG A 16 -0.22 5.86 -1.58
N LYS A 17 0.96 6.19 -1.05
CA LYS A 17 1.88 7.05 -1.79
C LYS A 17 2.31 6.38 -3.09
N PHE A 18 2.57 5.07 -3.03
CA PHE A 18 2.98 4.33 -4.21
C PHE A 18 1.84 4.25 -5.22
N GLY A 19 0.63 4.02 -4.72
CA GLY A 19 -0.54 3.91 -5.57
C GLY A 19 -0.80 5.22 -6.31
N ARG A 20 -0.64 6.34 -5.61
CA ARG A 20 -0.86 7.65 -6.19
C ARG A 20 0.46 8.39 -6.39
N ARG A 21 0.39 9.69 -6.56
CA ARG A 21 1.58 10.51 -6.75
C ARG A 21 2.64 10.15 -5.70
N ASN A 1 10.88 -1.48 3.58
CA ASN A 1 9.46 -1.24 3.33
C ASN A 1 9.01 -1.93 2.05
N LEU A 2 8.28 -3.03 2.21
CA LEU A 2 7.79 -3.78 1.06
C LEU A 2 6.27 -3.63 0.93
N CYS A 3 5.81 -3.35 -0.28
CA CYS A 3 4.39 -3.18 -0.53
C CYS A 3 4.02 -3.69 -1.91
N ALA A 4 2.99 -4.55 -1.97
CA ALA A 4 2.55 -5.10 -3.25
C ALA A 4 1.36 -6.03 -3.04
N SER A 5 0.68 -5.86 -1.90
CA SER A 5 -0.48 -6.69 -1.58
C SER A 5 -1.66 -5.82 -1.15
N LEU A 6 -2.86 -6.27 -1.48
CA LEU A 6 -4.07 -5.54 -1.14
C LEU A 6 -4.10 -5.25 0.37
N ARG A 7 -3.54 -6.18 1.14
CA ARG A 7 -3.50 -6.01 2.59
C ARG A 7 -2.74 -4.74 2.96
N ALA A 8 -1.61 -4.52 2.31
CA ALA A 8 -0.80 -3.34 2.56
C ALA A 8 -1.58 -2.08 2.24
N ARG A 9 -2.30 -2.11 1.14
CA ARG A 9 -3.09 -0.96 0.74
C ARG A 9 -4.13 -0.62 1.80
N HIS A 10 -4.29 -1.49 2.78
CA HIS A 10 -5.25 -1.27 3.85
C HIS A 10 -4.57 -1.14 5.20
N THR A 11 -3.89 -2.21 5.62
CA THR A 11 -3.20 -2.22 6.90
C THR A 11 -1.99 -1.31 6.86
N ILE A 12 -1.43 -1.11 5.67
CA ILE A 12 -0.24 -0.27 5.55
C ILE A 12 -0.60 1.05 4.86
N PRO A 13 -0.70 2.14 5.60
CA PRO A 13 -1.09 3.46 5.02
C PRO A 13 0.00 4.04 4.12
N GLN A 14 1.22 3.59 4.32
CA GLN A 14 2.34 4.07 3.51
C GLN A 14 2.16 3.64 2.05
N CYS A 15 1.43 2.56 1.85
CA CYS A 15 1.19 2.06 0.50
C CYS A 15 0.35 3.03 -0.31
N ARG A 16 -0.28 3.98 0.38
CA ARG A 16 -1.11 4.95 -0.30
C ARG A 16 -0.30 5.74 -1.32
N LYS A 17 0.99 5.92 -1.03
CA LYS A 17 1.86 6.66 -1.93
C LYS A 17 1.99 5.94 -3.27
N PHE A 18 2.11 4.62 -3.22
CA PHE A 18 2.24 3.83 -4.43
C PHE A 18 0.95 3.86 -5.24
N GLY A 19 -0.19 3.82 -4.54
CA GLY A 19 -1.49 3.84 -5.20
C GLY A 19 -2.03 5.27 -5.28
N ARG A 20 -3.23 5.40 -5.82
CA ARG A 20 -3.85 6.71 -5.95
C ARG A 20 -5.35 6.63 -5.71
N ARG A 21 -5.86 7.51 -4.85
CA ARG A 21 -7.29 7.52 -4.55
C ARG A 21 -8.01 8.58 -5.38
N ASN A 1 7.92 -0.56 0.24
CA ASN A 1 8.07 -0.14 -1.14
C ASN A 1 7.24 -1.03 -2.06
N LEU A 2 7.01 -2.27 -1.63
CA LEU A 2 6.23 -3.21 -2.42
C LEU A 2 4.84 -3.37 -1.82
N CYS A 3 3.82 -3.08 -2.63
CA CYS A 3 2.44 -3.19 -2.19
C CYS A 3 1.71 -4.29 -2.96
N ALA A 4 2.42 -5.36 -3.28
CA ALA A 4 1.83 -6.47 -4.02
C ALA A 4 0.66 -7.07 -3.24
N SER A 5 0.86 -7.21 -1.93
CA SER A 5 -0.19 -7.78 -1.08
C SER A 5 -1.25 -6.72 -0.76
N LEU A 6 -2.51 -7.12 -0.82
CA LEU A 6 -3.60 -6.20 -0.53
C LEU A 6 -3.49 -5.65 0.89
N ARG A 7 -2.88 -6.43 1.77
CA ARG A 7 -2.70 -6.02 3.15
C ARG A 7 -1.89 -4.73 3.23
N ALA A 8 -0.90 -4.61 2.35
CA ALA A 8 -0.05 -3.42 2.32
C ALA A 8 -0.81 -2.22 1.78
N ARG A 9 -2.08 -2.42 1.47
CA ARG A 9 -2.92 -1.34 0.94
C ARG A 9 -4.15 -1.13 1.81
N HIS A 10 -4.26 -1.92 2.89
CA HIS A 10 -5.38 -1.81 3.81
C HIS A 10 -4.92 -1.43 5.20
N THR A 11 -3.96 -2.18 5.72
CA THR A 11 -3.43 -1.92 7.06
C THR A 11 -2.24 -0.98 6.98
N ILE A 12 -1.74 -0.75 5.77
CA ILE A 12 -0.61 0.15 5.59
C ILE A 12 -1.02 1.38 4.78
N PRO A 13 -1.47 2.42 5.45
CA PRO A 13 -1.91 3.69 4.78
C PRO A 13 -0.75 4.42 4.11
N GLN A 14 0.46 4.06 4.48
CA GLN A 14 1.65 4.69 3.91
C GLN A 14 1.79 4.32 2.43
N CYS A 15 1.27 3.15 2.07
CA CYS A 15 1.34 2.69 0.70
C CYS A 15 0.58 3.63 -0.22
N ARG A 16 -0.20 4.53 0.36
CA ARG A 16 -0.99 5.47 -0.43
C ARG A 16 -0.08 6.28 -1.34
N LYS A 17 1.13 6.57 -0.87
CA LYS A 17 2.08 7.34 -1.66
C LYS A 17 2.49 6.57 -2.90
N PHE A 18 2.71 5.27 -2.74
CA PHE A 18 3.11 4.42 -3.86
C PHE A 18 1.94 4.24 -4.82
N GLY A 19 0.74 4.17 -4.26
CA GLY A 19 -0.47 3.99 -5.08
C GLY A 19 -0.65 5.15 -6.05
N ARG A 20 -0.36 6.36 -5.58
CA ARG A 20 -0.50 7.55 -6.42
C ARG A 20 0.47 8.63 -5.98
N ARG A 21 0.77 9.56 -6.88
CA ARG A 21 1.69 10.66 -6.57
C ARG A 21 1.04 11.65 -5.62
N ASN A 1 6.21 1.31 4.58
CA ASN A 1 7.02 0.14 4.29
C ASN A 1 7.05 -0.14 2.79
N LEU A 2 6.90 -1.42 2.43
CA LEU A 2 6.92 -1.81 1.03
C LEU A 2 5.54 -2.30 0.60
N CYS A 3 5.14 -1.93 -0.61
CA CYS A 3 3.84 -2.34 -1.13
C CYS A 3 3.84 -3.81 -1.52
N ALA A 4 2.71 -4.48 -1.33
CA ALA A 4 2.59 -5.89 -1.67
C ALA A 4 1.26 -6.18 -2.36
N SER A 5 0.17 -6.00 -1.61
CA SER A 5 -1.15 -6.27 -2.14
C SER A 5 -2.22 -5.54 -1.32
N LEU A 6 -3.48 -5.76 -1.67
CA LEU A 6 -4.58 -5.13 -0.97
C LEU A 6 -4.31 -5.08 0.53
N ARG A 7 -3.58 -6.09 1.01
CA ARG A 7 -3.27 -6.16 2.43
C ARG A 7 -2.42 -4.95 2.82
N ALA A 8 -1.44 -4.63 1.99
CA ALA A 8 -0.56 -3.48 2.25
C ALA A 8 -1.37 -2.19 2.25
N ARG A 9 -2.26 -2.06 1.29
CA ARG A 9 -3.07 -0.85 1.21
C ARG A 9 -3.88 -0.66 2.49
N HIS A 10 -4.38 -1.76 3.04
CA HIS A 10 -5.16 -1.69 4.26
C HIS A 10 -4.27 -1.54 5.49
N THR A 11 -3.46 -2.56 5.75
CA THR A 11 -2.57 -2.57 6.91
C THR A 11 -1.46 -1.52 6.77
N ILE A 12 -0.95 -1.39 5.55
CA ILE A 12 0.14 -0.45 5.29
C ILE A 12 -0.41 0.76 4.52
N PRO A 13 -1.03 1.71 5.18
CA PRO A 13 -1.61 2.92 4.49
C PRO A 13 -0.54 3.73 3.78
N GLN A 14 0.71 3.52 4.15
CA GLN A 14 1.81 4.24 3.53
C GLN A 14 1.86 3.92 2.03
N CYS A 15 1.47 2.70 1.69
CA CYS A 15 1.46 2.26 0.30
C CYS A 15 0.56 3.15 -0.54
N ARG A 16 -0.38 3.83 0.10
CA ARG A 16 -1.30 4.69 -0.62
C ARG A 16 -0.54 5.68 -1.51
N LYS A 17 0.60 6.15 -1.03
CA LYS A 17 1.40 7.09 -1.79
C LYS A 17 1.89 6.46 -3.10
N PHE A 18 2.36 5.21 -3.01
CA PHE A 18 2.85 4.51 -4.18
C PHE A 18 1.69 4.10 -5.08
N GLY A 19 0.58 3.72 -4.46
CA GLY A 19 -0.60 3.30 -5.21
C GLY A 19 -1.12 4.41 -6.10
N ARG A 20 -1.13 5.64 -5.58
CA ARG A 20 -1.60 6.79 -6.34
C ARG A 20 -0.64 7.96 -6.20
N ARG A 21 -0.28 8.56 -7.32
CA ARG A 21 0.63 9.70 -7.30
C ARG A 21 0.05 10.84 -6.48
N ASN A 1 8.59 -3.73 -3.78
CA ASN A 1 8.40 -5.18 -3.69
C ASN A 1 7.73 -5.54 -2.37
N LEU A 2 8.10 -4.84 -1.30
CA LEU A 2 7.51 -5.10 0.01
C LEU A 2 6.01 -4.84 0.00
N CYS A 3 5.60 -3.79 -0.69
CA CYS A 3 4.20 -3.45 -0.78
C CYS A 3 3.63 -3.88 -2.12
N ALA A 4 2.64 -4.77 -2.09
CA ALA A 4 2.01 -5.26 -3.31
C ALA A 4 0.67 -5.89 -3.01
N SER A 5 0.60 -6.62 -1.91
CA SER A 5 -0.64 -7.28 -1.51
C SER A 5 -1.68 -6.25 -1.07
N LEU A 6 -2.93 -6.47 -1.47
CA LEU A 6 -4.00 -5.54 -1.12
C LEU A 6 -4.00 -5.26 0.38
N ARG A 7 -3.44 -6.20 1.15
CA ARG A 7 -3.38 -6.06 2.60
C ARG A 7 -2.65 -4.78 2.97
N ALA A 8 -1.65 -4.43 2.18
CA ALA A 8 -0.86 -3.23 2.43
C ALA A 8 -1.76 -1.99 2.41
N ARG A 9 -2.68 -1.97 1.47
CA ARG A 9 -3.58 -0.83 1.36
C ARG A 9 -4.44 -0.70 2.62
N HIS A 10 -4.39 -1.71 3.47
CA HIS A 10 -5.17 -1.70 4.71
C HIS A 10 -4.27 -1.50 5.92
N THR A 11 -3.29 -2.40 6.08
CA THR A 11 -2.37 -2.31 7.20
C THR A 11 -1.19 -1.40 6.87
N ILE A 12 -1.05 -1.06 5.60
CA ILE A 12 0.05 -0.20 5.17
C ILE A 12 -0.50 1.00 4.43
N PRO A 13 -1.03 1.97 5.15
CA PRO A 13 -1.62 3.19 4.53
C PRO A 13 -0.60 3.94 3.67
N GLN A 14 0.68 3.73 3.95
CA GLN A 14 1.73 4.37 3.18
C GLN A 14 1.68 3.93 1.72
N CYS A 15 1.20 2.72 1.49
CA CYS A 15 1.09 2.19 0.14
C CYS A 15 0.19 3.07 -0.71
N ARG A 16 -0.68 3.83 -0.05
CA ARG A 16 -1.59 4.70 -0.77
C ARG A 16 -0.80 5.74 -1.57
N LYS A 17 0.22 6.30 -0.94
CA LYS A 17 1.06 7.31 -1.59
C LYS A 17 1.84 6.69 -2.74
N PHE A 18 2.36 5.48 -2.50
CA PHE A 18 3.12 4.78 -3.53
C PHE A 18 2.24 4.51 -4.75
N GLY A 19 1.04 4.01 -4.51
CA GLY A 19 0.11 3.71 -5.59
C GLY A 19 -0.22 4.95 -6.40
N ARG A 20 -0.37 6.09 -5.72
CA ARG A 20 -0.69 7.34 -6.38
C ARG A 20 -1.99 7.21 -7.18
N ARG A 21 -2.97 6.54 -6.58
CA ARG A 21 -4.26 6.34 -7.23
C ARG A 21 -4.99 7.67 -7.37
N ASN A 1 6.31 0.20 -3.10
CA ASN A 1 7.22 -0.57 -2.26
C ASN A 1 6.43 -1.37 -1.22
N LEU A 2 6.80 -2.63 -1.05
CA LEU A 2 6.13 -3.48 -0.08
C LEU A 2 4.61 -3.44 -0.29
N CYS A 3 4.20 -3.11 -1.51
CA CYS A 3 2.79 -3.04 -1.85
C CYS A 3 2.36 -4.25 -2.67
N ALA A 4 3.14 -5.32 -2.58
CA ALA A 4 2.84 -6.54 -3.33
C ALA A 4 1.48 -7.09 -2.90
N SER A 5 1.19 -7.03 -1.61
CA SER A 5 -0.08 -7.53 -1.09
C SER A 5 -1.07 -6.39 -0.94
N LEU A 6 -2.28 -6.59 -1.49
CA LEU A 6 -3.31 -5.56 -1.41
C LEU A 6 -3.61 -5.20 0.04
N ARG A 7 -3.21 -6.08 0.95
CA ARG A 7 -3.43 -5.86 2.38
C ARG A 7 -2.74 -4.58 2.82
N ALA A 8 -1.61 -4.26 2.20
CA ALA A 8 -0.85 -3.07 2.55
C ALA A 8 -1.71 -1.83 2.37
N ARG A 9 -2.52 -1.81 1.33
CA ARG A 9 -3.38 -0.67 1.06
C ARG A 9 -4.30 -0.40 2.25
N HIS A 10 -4.48 -1.41 3.09
CA HIS A 10 -5.33 -1.27 4.26
C HIS A 10 -4.50 -1.12 5.54
N THR A 11 -3.77 -2.17 5.87
CA THR A 11 -2.93 -2.17 7.07
C THR A 11 -1.79 -1.17 6.92
N ILE A 12 -1.24 -1.09 5.73
CA ILE A 12 -0.12 -0.20 5.45
C ILE A 12 -0.60 1.04 4.68
N PRO A 13 -1.15 2.03 5.36
CA PRO A 13 -1.65 3.27 4.68
C PRO A 13 -0.54 4.01 3.94
N GLN A 14 0.71 3.69 4.28
CA GLN A 14 1.85 4.33 3.63
C GLN A 14 1.88 3.99 2.14
N CYS A 15 1.35 2.82 1.80
CA CYS A 15 1.30 2.38 0.41
C CYS A 15 0.52 3.36 -0.44
N ARG A 16 -0.28 4.21 0.21
CA ARG A 16 -1.08 5.18 -0.52
C ARG A 16 -0.20 6.08 -1.37
N LYS A 17 1.03 6.31 -0.91
CA LYS A 17 1.96 7.16 -1.65
C LYS A 17 2.29 6.55 -3.00
N PHE A 18 2.47 5.23 -3.03
CA PHE A 18 2.78 4.54 -4.27
C PHE A 18 1.55 3.83 -4.82
N GLY A 19 0.40 4.08 -4.19
CA GLY A 19 -0.84 3.44 -4.63
C GLY A 19 -1.98 4.46 -4.70
N ARG A 20 -3.03 4.11 -5.43
CA ARG A 20 -4.18 5.00 -5.58
C ARG A 20 -5.45 4.20 -5.86
N ARG A 21 -6.59 4.82 -5.62
CA ARG A 21 -7.88 4.16 -5.84
C ARG A 21 -8.95 5.18 -6.20
N ASN A 1 7.11 -3.39 -4.33
CA ASN A 1 6.97 -4.69 -3.70
C ASN A 1 6.18 -4.59 -2.40
N LEU A 2 6.26 -3.43 -1.75
CA LEU A 2 5.54 -3.21 -0.50
C LEU A 2 4.04 -3.30 -0.72
N CYS A 3 3.58 -2.77 -1.85
CA CYS A 3 2.16 -2.79 -2.17
C CYS A 3 1.79 -4.06 -2.95
N ALA A 4 2.71 -5.01 -2.98
CA ALA A 4 2.48 -6.26 -3.69
C ALA A 4 1.25 -6.97 -3.10
N SER A 5 1.14 -6.93 -1.78
CA SER A 5 0.02 -7.56 -1.10
C SER A 5 -1.05 -6.54 -0.74
N LEU A 6 -2.28 -6.78 -1.18
CA LEU A 6 -3.38 -5.88 -0.91
C LEU A 6 -3.50 -5.62 0.59
N ARG A 7 -2.83 -6.44 1.38
CA ARG A 7 -2.86 -6.29 2.83
C ARG A 7 -2.33 -4.92 3.23
N ALA A 8 -1.29 -4.47 2.53
CA ALA A 8 -0.68 -3.18 2.83
C ALA A 8 -1.70 -2.05 2.68
N ARG A 9 -2.47 -2.09 1.60
CA ARG A 9 -3.47 -1.07 1.36
C ARG A 9 -4.49 -1.07 2.48
N HIS A 10 -4.85 -2.26 2.93
CA HIS A 10 -5.81 -2.41 4.01
C HIS A 10 -5.32 -1.78 5.30
N THR A 11 -4.04 -1.99 5.62
CA THR A 11 -3.47 -1.46 6.86
C THR A 11 -2.36 -0.45 6.61
N ILE A 12 -1.32 -0.86 5.88
CA ILE A 12 -0.20 0.03 5.63
C ILE A 12 -0.67 1.29 4.89
N PRO A 13 -0.62 2.46 5.52
CA PRO A 13 -1.06 3.72 4.86
C PRO A 13 -0.02 4.25 3.89
N GLN A 14 1.21 3.77 4.04
CA GLN A 14 2.30 4.20 3.18
C GLN A 14 2.00 3.85 1.72
N CYS A 15 1.35 2.71 1.53
CA CYS A 15 1.00 2.26 0.20
C CYS A 15 0.23 3.34 -0.54
N ARG A 16 -0.46 4.20 0.20
CA ARG A 16 -1.23 5.26 -0.42
C ARG A 16 -0.33 6.13 -1.29
N LYS A 17 0.86 6.43 -0.80
CA LYS A 17 1.82 7.25 -1.54
C LYS A 17 2.34 6.45 -2.74
N PHE A 18 2.56 5.17 -2.52
CA PHE A 18 3.04 4.30 -3.57
C PHE A 18 2.08 4.30 -4.75
N GLY A 19 0.79 4.14 -4.46
CA GLY A 19 -0.22 4.13 -5.51
C GLY A 19 -0.83 5.51 -5.69
N ARG A 20 -2.10 5.55 -6.08
CA ARG A 20 -2.79 6.81 -6.28
C ARG A 20 -2.83 7.61 -4.98
N ARG A 21 -2.49 8.90 -5.06
CA ARG A 21 -2.49 9.76 -3.89
C ARG A 21 -1.91 9.03 -2.68
N ASN A 1 7.59 -6.50 1.74
CA ASN A 1 6.48 -6.23 2.64
C ASN A 1 5.85 -4.88 2.32
N LEU A 2 6.29 -4.27 1.22
CA LEU A 2 5.75 -2.98 0.81
C LEU A 2 4.86 -3.14 -0.42
N CYS A 3 3.59 -2.76 -0.28
CA CYS A 3 2.65 -2.85 -1.39
C CYS A 3 2.74 -4.22 -2.04
N ALA A 4 3.14 -5.22 -1.27
CA ALA A 4 3.27 -6.58 -1.78
C ALA A 4 1.91 -7.11 -2.23
N SER A 5 0.87 -6.80 -1.46
CA SER A 5 -0.47 -7.25 -1.77
C SER A 5 -1.51 -6.23 -1.32
N LEU A 6 -2.73 -6.37 -1.82
CA LEU A 6 -3.80 -5.45 -1.47
C LEU A 6 -3.89 -5.28 0.05
N ARG A 7 -3.40 -6.27 0.78
CA ARG A 7 -3.41 -6.23 2.23
C ARG A 7 -2.65 -5.01 2.73
N ALA A 8 -1.57 -4.66 2.03
CA ALA A 8 -0.76 -3.52 2.42
C ALA A 8 -1.59 -2.23 2.43
N ARG A 9 -2.28 -1.99 1.34
CA ARG A 9 -3.11 -0.78 1.23
C ARG A 9 -4.18 -0.78 2.32
N HIS A 10 -4.70 -1.95 2.65
CA HIS A 10 -5.73 -2.06 3.66
C HIS A 10 -5.23 -1.54 5.00
N THR A 11 -3.98 -1.85 5.32
CA THR A 11 -3.39 -1.41 6.58
C THR A 11 -2.19 -0.49 6.33
N ILE A 12 -1.16 -1.04 5.72
CA ILE A 12 0.05 -0.28 5.44
C ILE A 12 -0.31 1.07 4.80
N PRO A 13 -0.15 2.15 5.51
CA PRO A 13 -0.48 3.51 5.00
C PRO A 13 0.59 4.04 4.06
N GLN A 14 1.77 3.47 4.13
CA GLN A 14 2.88 3.91 3.28
C GLN A 14 2.54 3.68 1.80
N CYS A 15 1.82 2.60 1.53
CA CYS A 15 1.44 2.27 0.17
C CYS A 15 0.49 3.32 -0.40
N ARG A 16 -0.04 4.16 0.47
CA ARG A 16 -0.98 5.20 0.04
C ARG A 16 -0.30 6.16 -0.93
N LYS A 17 1.00 6.39 -0.71
CA LYS A 17 1.75 7.30 -1.57
C LYS A 17 1.83 6.76 -2.99
N PHE A 18 2.05 5.45 -3.11
CA PHE A 18 2.14 4.81 -4.42
C PHE A 18 0.77 4.81 -5.11
N GLY A 19 -0.27 4.55 -4.33
CA GLY A 19 -1.63 4.52 -4.87
C GLY A 19 -1.87 3.22 -5.63
N ARG A 20 -3.05 3.11 -6.24
CA ARG A 20 -3.40 1.91 -7.00
C ARG A 20 -4.11 2.30 -8.29
N ARG A 21 -3.65 1.74 -9.40
CA ARG A 21 -4.24 2.03 -10.70
C ARG A 21 -4.18 0.79 -11.60
N ASN A 1 5.47 -3.52 4.23
CA ASN A 1 6.39 -4.30 3.42
C ASN A 1 6.00 -4.24 1.94
N LEU A 2 6.30 -3.12 1.30
CA LEU A 2 5.97 -2.95 -0.11
C LEU A 2 4.47 -3.06 -0.32
N CYS A 3 4.04 -2.80 -1.55
CA CYS A 3 2.61 -2.87 -1.90
C CYS A 3 2.33 -4.11 -2.74
N ALA A 4 3.15 -5.15 -2.55
CA ALA A 4 2.99 -6.38 -3.31
C ALA A 4 1.61 -6.99 -3.04
N SER A 5 1.16 -6.91 -1.79
CA SER A 5 -0.14 -7.46 -1.41
C SER A 5 -1.11 -6.34 -1.08
N LEU A 6 -2.39 -6.56 -1.37
CA LEU A 6 -3.42 -5.57 -1.09
C LEU A 6 -3.57 -5.35 0.41
N ARG A 7 -2.96 -6.24 1.19
CA ARG A 7 -3.03 -6.13 2.64
C ARG A 7 -2.41 -4.82 3.10
N ALA A 8 -1.33 -4.41 2.44
CA ALA A 8 -0.65 -3.17 2.80
C ALA A 8 -1.60 -1.97 2.67
N ARG A 9 -2.29 -1.89 1.56
CA ARG A 9 -3.23 -0.80 1.34
C ARG A 9 -4.32 -0.83 2.39
N HIS A 10 -4.77 -2.03 2.74
CA HIS A 10 -5.83 -2.18 3.73
C HIS A 10 -5.41 -1.61 5.07
N THR A 11 -4.22 -1.96 5.52
CA THR A 11 -3.72 -1.49 6.80
C THR A 11 -2.58 -0.51 6.63
N ILE A 12 -1.51 -0.97 5.99
CA ILE A 12 -0.34 -0.10 5.83
C ILE A 12 -0.73 1.18 5.07
N PRO A 13 -0.66 2.34 5.71
CA PRO A 13 -1.02 3.63 5.06
C PRO A 13 0.09 4.15 4.15
N GLN A 14 1.31 3.67 4.36
CA GLN A 14 2.44 4.12 3.55
C GLN A 14 2.23 3.75 2.09
N CYS A 15 1.50 2.66 1.86
CA CYS A 15 1.22 2.21 0.50
C CYS A 15 0.48 3.28 -0.28
N ARG A 16 -0.11 4.23 0.44
CA ARG A 16 -0.87 5.30 -0.21
C ARG A 16 0.01 6.04 -1.22
N LYS A 17 1.31 6.12 -0.92
CA LYS A 17 2.24 6.81 -1.81
C LYS A 17 2.29 6.11 -3.17
N PHE A 18 2.31 4.79 -3.16
CA PHE A 18 2.35 4.02 -4.39
C PHE A 18 1.05 4.18 -5.17
N GLY A 19 -0.06 4.19 -4.43
CA GLY A 19 -1.37 4.33 -5.07
C GLY A 19 -1.50 5.67 -5.78
N ARG A 20 -0.99 6.73 -5.15
CA ARG A 20 -1.04 8.06 -5.74
C ARG A 20 0.07 8.94 -5.18
N ARG A 21 0.36 10.02 -5.89
CA ARG A 21 1.40 10.94 -5.45
C ARG A 21 2.70 10.19 -5.18
N ASN A 1 3.84 -9.73 3.32
CA ASN A 1 4.23 -8.43 3.84
C ASN A 1 4.80 -7.54 2.74
N LEU A 2 4.14 -7.54 1.58
CA LEU A 2 4.58 -6.74 0.45
C LEU A 2 3.62 -5.59 0.19
N CYS A 3 4.17 -4.45 -0.18
CA CYS A 3 3.36 -3.26 -0.46
C CYS A 3 2.38 -3.54 -1.59
N ALA A 4 2.83 -4.30 -2.58
CA ALA A 4 1.98 -4.64 -3.72
C ALA A 4 0.72 -5.35 -3.26
N SER A 5 0.85 -6.18 -2.22
CA SER A 5 -0.29 -6.92 -1.72
C SER A 5 -1.40 -5.95 -1.28
N LEU A 6 -2.65 -6.32 -1.56
CA LEU A 6 -3.79 -5.49 -1.19
C LEU A 6 -3.83 -5.27 0.31
N ARG A 7 -3.31 -6.22 1.06
CA ARG A 7 -3.30 -6.13 2.51
C ARG A 7 -2.58 -4.87 2.96
N ALA A 8 -1.52 -4.51 2.25
CA ALA A 8 -0.76 -3.31 2.58
C ALA A 8 -1.65 -2.07 2.51
N ARG A 9 -2.50 -2.03 1.52
CA ARG A 9 -3.39 -0.88 1.34
C ARG A 9 -4.24 -0.67 2.59
N HIS A 10 -4.33 -1.70 3.43
CA HIS A 10 -5.11 -1.60 4.65
C HIS A 10 -4.20 -1.29 5.86
N THR A 11 -3.41 -2.27 6.25
CA THR A 11 -2.50 -2.12 7.38
C THR A 11 -1.39 -1.14 7.04
N ILE A 12 -1.03 -1.07 5.75
CA ILE A 12 0.03 -0.18 5.32
C ILE A 12 -0.54 0.99 4.50
N PRO A 13 -0.97 2.04 5.16
CA PRO A 13 -1.56 3.22 4.47
C PRO A 13 -0.54 3.96 3.62
N GLN A 14 0.74 3.72 3.88
CA GLN A 14 1.80 4.37 3.12
C GLN A 14 1.78 3.90 1.67
N CYS A 15 1.34 2.67 1.46
CA CYS A 15 1.26 2.10 0.13
C CYS A 15 0.33 2.92 -0.75
N ARG A 16 -0.63 3.58 -0.13
CA ARG A 16 -1.58 4.38 -0.88
C ARG A 16 -0.85 5.47 -1.67
N LYS A 17 0.16 6.08 -1.04
CA LYS A 17 0.93 7.14 -1.69
C LYS A 17 1.80 6.55 -2.78
N PHE A 18 2.38 5.39 -2.49
CA PHE A 18 3.25 4.71 -3.46
C PHE A 18 2.48 4.38 -4.72
N GLY A 19 1.28 3.82 -4.54
CA GLY A 19 0.44 3.45 -5.68
C GLY A 19 -0.92 4.12 -5.59
N ARG A 20 -1.17 5.06 -6.49
CA ARG A 20 -2.44 5.77 -6.51
C ARG A 20 -3.59 4.80 -6.77
N ARG A 21 -3.40 3.91 -7.74
CA ARG A 21 -4.41 2.94 -8.09
C ARG A 21 -4.39 1.76 -7.13
N ASN A 1 8.52 -3.58 5.47
CA ASN A 1 9.38 -3.05 4.41
C ASN A 1 8.92 -3.56 3.05
N LEU A 2 7.95 -4.47 3.07
CA LEU A 2 7.43 -5.04 1.83
C LEU A 2 6.07 -4.44 1.50
N CYS A 3 5.96 -3.89 0.29
CA CYS A 3 4.71 -3.29 -0.15
C CYS A 3 4.39 -3.70 -1.59
N ALA A 4 3.20 -4.28 -1.79
CA ALA A 4 2.80 -4.71 -3.12
C ALA A 4 1.58 -5.64 -3.02
N SER A 5 0.83 -5.50 -1.93
CA SER A 5 -0.36 -6.33 -1.73
C SER A 5 -1.55 -5.47 -1.32
N LEU A 6 -2.73 -5.88 -1.77
CA LEU A 6 -3.95 -5.15 -1.45
C LEU A 6 -4.06 -4.96 0.05
N ARG A 7 -3.56 -5.92 0.82
CA ARG A 7 -3.63 -5.84 2.27
C ARG A 7 -2.85 -4.62 2.76
N ALA A 8 -1.69 -4.37 2.15
CA ALA A 8 -0.88 -3.22 2.55
C ALA A 8 -1.64 -1.92 2.31
N ARG A 9 -2.32 -1.86 1.18
CA ARG A 9 -3.08 -0.65 0.84
C ARG A 9 -4.27 -0.49 1.78
N HIS A 10 -4.39 -1.39 2.75
CA HIS A 10 -5.49 -1.35 3.72
C HIS A 10 -4.97 -1.21 5.14
N THR A 11 -3.97 -2.02 5.48
CA THR A 11 -3.40 -1.99 6.82
C THR A 11 -2.09 -1.21 6.82
N ILE A 12 -1.49 -1.06 5.65
CA ILE A 12 -0.24 -0.32 5.57
C ILE A 12 -0.46 1.04 4.89
N PRO A 13 -0.43 2.13 5.64
CA PRO A 13 -0.65 3.49 5.08
C PRO A 13 0.51 3.96 4.21
N GLN A 14 1.66 3.31 4.37
CA GLN A 14 2.84 3.68 3.59
C GLN A 14 2.65 3.27 2.13
N CYS A 15 1.71 2.38 1.88
CA CYS A 15 1.45 1.92 0.52
C CYS A 15 0.43 2.82 -0.16
N ARG A 16 -0.03 3.84 0.54
CA ARG A 16 -1.01 4.77 -0.01
C ARG A 16 -0.40 5.53 -1.20
N LYS A 17 0.90 5.78 -1.11
CA LYS A 17 1.59 6.51 -2.17
C LYS A 17 1.54 5.73 -3.48
N PHE A 18 1.71 4.41 -3.37
CA PHE A 18 1.68 3.56 -4.55
C PHE A 18 0.27 3.53 -5.16
N GLY A 19 -0.72 3.53 -4.29
CA GLY A 19 -2.11 3.49 -4.74
C GLY A 19 -2.45 4.71 -5.59
N ARG A 20 -1.95 5.88 -5.18
CA ARG A 20 -2.20 7.11 -5.91
C ARG A 20 -0.91 7.63 -6.53
N ARG A 21 -0.94 7.88 -7.84
CA ARG A 21 0.24 8.38 -8.55
C ARG A 21 -0.08 9.68 -9.26
N ASN A 1 6.80 -5.57 2.63
CA ASN A 1 6.90 -4.15 2.32
C ASN A 1 6.62 -3.89 0.84
N LEU A 2 5.85 -4.79 0.23
CA LEU A 2 5.52 -4.65 -1.19
C LEU A 2 4.03 -4.39 -1.35
N CYS A 3 3.70 -3.36 -2.14
CA CYS A 3 2.30 -3.01 -2.38
C CYS A 3 1.58 -4.12 -3.12
N ALA A 4 2.33 -5.16 -3.50
CA ALA A 4 1.76 -6.29 -4.21
C ALA A 4 0.69 -6.97 -3.34
N SER A 5 0.94 -7.04 -2.04
CA SER A 5 0.00 -7.66 -1.12
C SER A 5 -1.23 -6.77 -0.95
N LEU A 6 -2.31 -7.35 -0.42
CA LEU A 6 -3.54 -6.60 -0.21
C LEU A 6 -3.60 -6.07 1.22
N ARG A 7 -2.91 -6.73 2.13
CA ARG A 7 -2.89 -6.32 3.53
C ARG A 7 -2.26 -4.94 3.66
N ALA A 8 -1.22 -4.69 2.87
CA ALA A 8 -0.53 -3.41 2.92
C ALA A 8 -1.50 -2.25 2.72
N ARG A 9 -2.09 -2.18 1.54
CA ARG A 9 -3.03 -1.11 1.22
C ARG A 9 -4.19 -1.11 2.20
N HIS A 10 -4.57 -2.29 2.65
CA HIS A 10 -5.68 -2.40 3.59
C HIS A 10 -5.40 -1.61 4.86
N THR A 11 -4.17 -1.70 5.35
CA THR A 11 -3.80 -0.98 6.57
C THR A 11 -2.67 0.00 6.29
N ILE A 12 -1.53 -0.53 5.86
CA ILE A 12 -0.36 0.30 5.58
C ILE A 12 -0.75 1.47 4.68
N PRO A 13 -0.73 2.67 5.22
CA PRO A 13 -1.08 3.90 4.47
C PRO A 13 0.05 4.36 3.56
N GLN A 14 1.27 3.92 3.87
CA GLN A 14 2.44 4.29 3.08
C GLN A 14 2.28 3.79 1.64
N CYS A 15 1.67 2.62 1.49
CA CYS A 15 1.47 2.04 0.17
C CYS A 15 0.63 2.96 -0.70
N ARG A 16 -0.44 3.49 -0.12
CA ARG A 16 -1.34 4.37 -0.87
C ARG A 16 -0.60 5.63 -1.32
N LYS A 17 0.33 6.10 -0.48
CA LYS A 17 1.09 7.30 -0.80
C LYS A 17 1.96 7.05 -2.03
N PHE A 18 2.55 5.86 -2.10
CA PHE A 18 3.40 5.51 -3.24
C PHE A 18 2.58 5.43 -4.53
N GLY A 19 1.37 4.88 -4.41
CA GLY A 19 0.49 4.74 -5.57
C GLY A 19 -0.93 5.14 -5.22
N ARG A 20 -1.39 6.25 -5.81
CA ARG A 20 -2.74 6.73 -5.56
C ARG A 20 -3.78 5.77 -6.11
N ARG A 21 -3.36 4.98 -7.10
CA ARG A 21 -4.26 4.00 -7.71
C ARG A 21 -4.31 2.72 -6.89
N ASN A 1 8.18 0.18 0.02
CA ASN A 1 7.51 -1.05 0.40
C ASN A 1 7.02 -1.80 -0.84
N LEU A 2 7.07 -3.12 -0.77
CA LEU A 2 6.63 -3.94 -1.89
C LEU A 2 5.15 -3.74 -2.17
N CYS A 3 4.36 -3.63 -1.10
CA CYS A 3 2.93 -3.42 -1.24
C CYS A 3 2.34 -4.40 -2.26
N ALA A 4 2.98 -5.56 -2.40
CA ALA A 4 2.53 -6.58 -3.33
C ALA A 4 1.14 -7.08 -2.94
N SER A 5 0.93 -7.24 -1.63
CA SER A 5 -0.36 -7.73 -1.14
C SER A 5 -1.33 -6.58 -0.94
N LEU A 6 -2.57 -6.77 -1.39
CA LEU A 6 -3.59 -5.74 -1.25
C LEU A 6 -3.78 -5.36 0.22
N ARG A 7 -3.41 -6.27 1.10
CA ARG A 7 -3.54 -6.05 2.54
C ARG A 7 -2.75 -4.80 2.95
N ALA A 8 -1.68 -4.53 2.23
CA ALA A 8 -0.84 -3.36 2.53
C ALA A 8 -1.66 -2.08 2.44
N ARG A 9 -2.50 -1.99 1.42
CA ARG A 9 -3.32 -0.81 1.26
C ARG A 9 -4.21 -0.58 2.49
N HIS A 10 -4.33 -1.60 3.31
CA HIS A 10 -5.15 -1.51 4.52
C HIS A 10 -4.27 -1.36 5.76
N THR A 11 -3.47 -2.38 6.04
CA THR A 11 -2.58 -2.36 7.20
C THR A 11 -1.39 -1.44 6.95
N ILE A 12 -1.18 -1.09 5.69
CA ILE A 12 -0.06 -0.22 5.32
C ILE A 12 -0.59 0.96 4.52
N PRO A 13 -1.27 1.86 5.17
CA PRO A 13 -1.86 3.07 4.51
C PRO A 13 -0.79 3.93 3.84
N GLN A 14 0.42 3.91 4.38
CA GLN A 14 1.51 4.69 3.81
C GLN A 14 1.74 4.27 2.36
N CYS A 15 1.25 3.09 1.99
CA CYS A 15 1.40 2.60 0.64
C CYS A 15 0.68 3.52 -0.34
N ARG A 16 -0.35 4.20 0.13
CA ARG A 16 -1.13 5.10 -0.72
C ARG A 16 -0.23 6.10 -1.42
N LYS A 17 0.95 6.34 -0.85
CA LYS A 17 1.91 7.27 -1.42
C LYS A 17 2.32 6.81 -2.82
N PHE A 18 2.48 5.49 -2.97
CA PHE A 18 2.86 4.93 -4.26
C PHE A 18 1.79 5.19 -5.31
N GLY A 19 0.53 5.06 -4.91
CA GLY A 19 -0.59 5.27 -5.82
C GLY A 19 -0.78 4.07 -6.74
N ARG A 20 -0.23 2.93 -6.34
CA ARG A 20 -0.35 1.71 -7.15
C ARG A 20 -1.79 1.21 -7.17
N ARG A 21 -2.29 0.92 -8.36
CA ARG A 21 -3.66 0.43 -8.51
C ARG A 21 -3.90 -0.08 -9.93
N ASN A 1 7.04 -5.96 2.77
CA ASN A 1 6.39 -6.86 1.83
C ASN A 1 5.87 -6.10 0.62
N LEU A 2 6.38 -4.89 0.42
CA LEU A 2 5.95 -4.07 -0.71
C LEU A 2 4.43 -3.94 -0.72
N CYS A 3 3.91 -3.34 -1.80
CA CYS A 3 2.48 -3.15 -1.94
C CYS A 3 1.87 -4.23 -2.82
N ALA A 4 2.61 -5.31 -3.03
CA ALA A 4 2.13 -6.41 -3.86
C ALA A 4 0.84 -6.99 -3.29
N SER A 5 0.76 -7.08 -1.97
CA SER A 5 -0.42 -7.63 -1.32
C SER A 5 -1.37 -6.50 -0.91
N LEU A 6 -2.66 -6.71 -1.12
CA LEU A 6 -3.66 -5.71 -0.76
C LEU A 6 -3.61 -5.41 0.74
N ARG A 7 -2.98 -6.30 1.49
CA ARG A 7 -2.86 -6.13 2.92
C ARG A 7 -2.15 -4.82 3.24
N ALA A 8 -1.15 -4.48 2.44
CA ALA A 8 -0.39 -3.24 2.65
C ALA A 8 -1.31 -2.03 2.57
N ARG A 9 -2.09 -1.97 1.52
CA ARG A 9 -3.00 -0.85 1.36
C ARG A 9 -4.00 -0.78 2.51
N HIS A 10 -4.31 -1.94 3.08
CA HIS A 10 -5.27 -1.99 4.18
C HIS A 10 -4.60 -1.62 5.51
N THR A 11 -3.66 -2.44 5.95
CA THR A 11 -2.95 -2.21 7.20
C THR A 11 -1.91 -1.11 7.04
N ILE A 12 -1.33 -1.02 5.85
CA ILE A 12 -0.29 -0.02 5.60
C ILE A 12 -0.83 1.09 4.68
N PRO A 13 -1.49 2.08 5.24
CA PRO A 13 -2.09 3.19 4.44
C PRO A 13 -1.02 4.06 3.78
N GLN A 14 0.19 4.02 4.33
CA GLN A 14 1.28 4.81 3.77
C GLN A 14 1.57 4.39 2.34
N CYS A 15 1.19 3.15 2.01
CA CYS A 15 1.39 2.62 0.67
C CYS A 15 0.64 3.45 -0.36
N ARG A 16 -0.35 4.21 0.11
CA ARG A 16 -1.14 5.03 -0.78
C ARG A 16 -0.26 5.99 -1.57
N LYS A 17 0.84 6.40 -0.96
CA LYS A 17 1.76 7.33 -1.60
C LYS A 17 2.36 6.70 -2.86
N PHE A 18 2.70 5.42 -2.77
CA PHE A 18 3.28 4.70 -3.89
C PHE A 18 2.24 4.52 -4.99
N GLY A 19 1.00 4.20 -4.59
CA GLY A 19 -0.08 3.99 -5.54
C GLY A 19 -0.34 5.25 -6.37
N ARG A 20 -0.33 6.40 -5.69
CA ARG A 20 -0.57 7.67 -6.36
C ARG A 20 0.30 8.76 -5.76
N ARG A 21 0.89 9.58 -6.63
CA ARG A 21 1.75 10.67 -6.18
C ARG A 21 1.02 12.00 -6.29
N ASN A 1 7.62 -8.19 -1.02
CA ASN A 1 7.90 -6.81 -1.40
C ASN A 1 7.29 -5.85 -0.39
N LEU A 2 7.48 -4.56 -0.62
CA LEU A 2 6.95 -3.53 0.28
C LEU A 2 5.42 -3.59 0.30
N CYS A 3 4.82 -3.80 -0.87
CA CYS A 3 3.37 -3.87 -0.97
C CYS A 3 2.96 -5.00 -1.92
N ALA A 4 2.52 -4.63 -3.11
CA ALA A 4 2.09 -5.61 -4.10
C ALA A 4 1.00 -6.50 -3.52
N SER A 5 0.43 -6.09 -2.39
CA SER A 5 -0.63 -6.86 -1.77
C SER A 5 -1.67 -5.92 -1.15
N LEU A 6 -2.93 -6.34 -1.18
CA LEU A 6 -4.01 -5.54 -0.62
C LEU A 6 -3.80 -5.33 0.88
N ARG A 7 -3.05 -6.23 1.50
CA ARG A 7 -2.80 -6.15 2.92
C ARG A 7 -2.11 -4.83 3.26
N ALA A 8 -1.15 -4.43 2.43
CA ALA A 8 -0.42 -3.20 2.66
C ALA A 8 -1.37 -1.99 2.56
N ARG A 9 -2.17 -1.98 1.52
CA ARG A 9 -3.11 -0.88 1.30
C ARG A 9 -4.12 -0.80 2.44
N HIS A 10 -4.27 -1.91 3.17
CA HIS A 10 -5.21 -1.95 4.28
C HIS A 10 -4.51 -1.66 5.60
N THR A 11 -3.53 -2.50 5.94
CA THR A 11 -2.80 -2.33 7.19
C THR A 11 -1.70 -1.30 7.04
N ILE A 12 -1.35 -0.98 5.80
CA ILE A 12 -0.29 -0.02 5.52
C ILE A 12 -0.79 1.09 4.63
N PRO A 13 -1.55 1.99 5.17
CA PRO A 13 -2.13 3.13 4.40
C PRO A 13 -1.06 4.01 3.76
N GLN A 14 0.16 3.89 4.27
CA GLN A 14 1.28 4.67 3.74
C GLN A 14 1.57 4.26 2.31
N CYS A 15 1.25 3.01 1.97
CA CYS A 15 1.49 2.50 0.62
C CYS A 15 0.68 3.30 -0.40
N ARG A 16 -0.32 4.04 0.09
CA ARG A 16 -1.16 4.83 -0.79
C ARG A 16 -0.32 5.81 -1.60
N LYS A 17 0.80 6.24 -1.03
CA LYS A 17 1.69 7.19 -1.71
C LYS A 17 2.22 6.57 -2.99
N PHE A 18 2.58 5.30 -2.93
CA PHE A 18 3.11 4.60 -4.10
C PHE A 18 2.00 4.38 -5.14
N GLY A 19 0.81 4.06 -4.65
CA GLY A 19 -0.32 3.82 -5.54
C GLY A 19 -0.66 5.07 -6.34
N ARG A 20 -0.60 6.22 -5.68
CA ARG A 20 -0.91 7.49 -6.35
C ARG A 20 0.27 8.45 -6.23
N ARG A 21 0.68 9.01 -7.36
CA ARG A 21 1.80 9.95 -7.36
C ARG A 21 1.28 11.39 -7.31
N ASN A 1 10.31 -2.68 -1.77
CA ASN A 1 9.42 -3.32 -0.81
C ASN A 1 8.29 -4.05 -1.54
N LEU A 2 7.47 -4.77 -0.78
CA LEU A 2 6.35 -5.50 -1.35
C LEU A 2 5.02 -4.83 -1.02
N CYS A 3 4.27 -4.48 -2.06
CA CYS A 3 2.97 -3.84 -1.89
C CYS A 3 1.89 -4.55 -2.68
N ALA A 4 2.26 -5.69 -3.28
CA ALA A 4 1.31 -6.47 -4.07
C ALA A 4 0.15 -6.93 -3.20
N SER A 5 0.46 -7.34 -1.97
CA SER A 5 -0.57 -7.81 -1.05
C SER A 5 -1.50 -6.65 -0.67
N LEU A 6 -2.81 -6.92 -0.71
CA LEU A 6 -3.80 -5.91 -0.37
C LEU A 6 -3.68 -5.53 1.09
N ARG A 7 -3.01 -6.37 1.87
CA ARG A 7 -2.84 -6.13 3.29
C ARG A 7 -2.07 -4.81 3.50
N ALA A 8 -1.06 -4.58 2.66
CA ALA A 8 -0.26 -3.36 2.77
C ALA A 8 -1.14 -2.13 2.55
N ARG A 9 -1.95 -2.17 1.52
CA ARG A 9 -2.82 -1.04 1.21
C ARG A 9 -3.76 -0.75 2.38
N HIS A 10 -4.27 -1.82 3.01
CA HIS A 10 -5.19 -1.65 4.12
C HIS A 10 -4.45 -1.26 5.40
N THR A 11 -3.59 -2.16 5.88
CA THR A 11 -2.82 -1.91 7.09
C THR A 11 -1.80 -0.82 6.87
N ILE A 12 -1.18 -0.81 5.70
CA ILE A 12 -0.16 0.17 5.39
C ILE A 12 -0.67 1.18 4.36
N PRO A 13 -1.44 2.15 4.80
CA PRO A 13 -2.00 3.19 3.88
C PRO A 13 -0.90 4.00 3.21
N GLN A 14 0.28 3.97 3.78
CA GLN A 14 1.39 4.71 3.20
C GLN A 14 1.68 4.22 1.80
N CYS A 15 1.40 2.94 1.56
CA CYS A 15 1.62 2.35 0.25
C CYS A 15 0.77 3.05 -0.79
N ARG A 16 -0.48 3.35 -0.43
CA ARG A 16 -1.39 4.00 -1.36
C ARG A 16 -0.86 5.38 -1.73
N LYS A 17 -0.28 6.07 -0.75
CA LYS A 17 0.25 7.41 -0.99
C LYS A 17 1.37 7.38 -2.01
N PHE A 18 2.24 6.38 -1.90
CA PHE A 18 3.35 6.24 -2.83
C PHE A 18 2.85 5.82 -4.21
N GLY A 19 1.82 4.97 -4.24
CA GLY A 19 1.26 4.50 -5.49
C GLY A 19 0.70 5.66 -6.31
N ARG A 20 0.04 6.58 -5.63
CA ARG A 20 -0.55 7.75 -6.30
C ARG A 20 0.11 9.03 -5.82
N ARG A 21 0.59 9.83 -6.77
CA ARG A 21 1.24 11.10 -6.45
C ARG A 21 2.11 10.95 -5.19
#